data_1IR3
#
_entry.id   1IR3
#
_cell.length_a   66.505
_cell.length_b   66.505
_cell.length_c   139.095
_cell.angle_alpha   90.00
_cell.angle_beta   90.00
_cell.angle_gamma   120.00
#
_symmetry.space_group_name_H-M   'P 32 2 1'
#
loop_
_entity.id
_entity.type
_entity.pdbx_description
1 polymer 'INSULIN RECEPTOR'
2 polymer 'PEPTIDE SUBSTRATE'
3 non-polymer 'MAGNESIUM ION'
4 non-polymer 'PHOSPHOAMINOPHOSPHONIC ACID-ADENYLATE ESTER'
5 water water
#
loop_
_entity_poly.entity_id
_entity_poly.type
_entity_poly.pdbx_seq_one_letter_code
_entity_poly.pdbx_strand_id
1 'polypeptide(L)'
;VFPSSVFVPDEWEVSREKITLLRELGQGSFGMVYEGNARDIIKGEAETRVAVKTVNESASLRERIEFLNEASVMKGFTCH
HVVRLLGVVSKGQPTLVVMELMAHGDLKSYLRSLRPEAENNPGRPPPTLQEMIQMAAEIADGMAYLNAKKFVHRDLAARN
CMVAHDFTVKIGDFGMTRDI(PTR)ETD(PTR)(PTR)RKGGKGLLPVRWMAPESLKDGVFTTSSDMWSFGVVLWEITSL
AEQPYQGLSNEQVLKFVMDGGYLDQPDNCPERVTDLMRMCWQFNPKMRPTFLEIVNLLKDDLHPSFPEVSFFHSEENK
;
A
2 'polypeptide(L)' KKKLPATGDYMNMSPVGD B
#
# COMPACT_ATOMS: atom_id res chain seq x y z
N SER A 4 12.16 37.11 10.49
CA SER A 4 12.00 36.60 9.14
C SER A 4 11.65 35.12 9.09
N SER A 5 10.81 34.78 8.12
CA SER A 5 10.34 33.41 7.89
C SER A 5 11.49 32.40 7.75
N VAL A 6 12.64 32.87 7.26
CA VAL A 6 13.83 32.04 7.05
C VAL A 6 14.33 31.32 8.30
N PHE A 7 14.10 31.94 9.46
CA PHE A 7 14.57 31.37 10.72
C PHE A 7 13.72 30.22 11.26
N VAL A 8 12.67 29.86 10.53
CA VAL A 8 11.83 28.74 10.93
C VAL A 8 11.51 27.96 9.66
N PRO A 9 12.47 27.11 9.23
CA PRO A 9 12.34 26.29 8.03
C PRO A 9 11.66 24.95 8.26
N ASP A 10 11.35 24.30 7.15
CA ASP A 10 10.74 23.00 7.14
C ASP A 10 11.87 22.08 6.76
N GLU A 11 12.18 21.14 7.66
CA GLU A 11 13.26 20.18 7.46
C GLU A 11 13.07 19.27 6.25
N TRP A 12 11.83 19.07 5.84
CA TRP A 12 11.53 18.22 4.70
C TRP A 12 11.64 18.93 3.36
N GLU A 13 11.78 20.25 3.39
CA GLU A 13 11.89 21.06 2.19
C GLU A 13 13.11 20.70 1.34
N VAL A 14 12.88 20.53 0.04
CA VAL A 14 13.93 20.21 -0.91
C VAL A 14 13.92 21.26 -2.01
N SER A 15 15.10 21.67 -2.45
CA SER A 15 15.23 22.65 -3.50
C SER A 15 14.83 22.03 -4.84
N ARG A 16 13.95 22.72 -5.56
CA ARG A 16 13.45 22.27 -6.86
C ARG A 16 14.59 22.01 -7.85
N GLU A 17 15.66 22.78 -7.69
CA GLU A 17 16.87 22.70 -8.51
C GLU A 17 17.52 21.31 -8.49
N LYS A 18 17.31 20.58 -7.40
CA LYS A 18 17.91 19.26 -7.24
C LYS A 18 17.14 18.13 -7.93
N ILE A 19 15.91 18.43 -8.36
CA ILE A 19 15.06 17.43 -8.99
C ILE A 19 15.06 17.50 -10.51
N THR A 20 15.12 16.33 -11.14
CA THR A 20 15.08 16.19 -12.58
C THR A 20 14.07 15.09 -12.89
N LEU A 21 13.08 15.39 -13.70
CA LEU A 21 12.03 14.42 -14.08
C LEU A 21 12.37 13.73 -15.41
N LEU A 22 12.25 12.41 -15.42
CA LEU A 22 12.58 11.60 -16.57
C LEU A 22 11.40 11.06 -17.35
N ARG A 23 10.44 10.47 -16.64
CA ARG A 23 9.30 9.90 -17.33
C ARG A 23 8.13 9.66 -16.39
N GLU A 24 6.97 9.42 -16.98
CA GLU A 24 5.77 9.18 -16.23
C GLU A 24 5.74 7.74 -15.75
N LEU A 25 5.51 7.57 -14.46
CA LEU A 25 5.43 6.24 -13.84
C LEU A 25 3.97 5.86 -13.78
N GLY A 26 3.11 6.85 -13.56
CA GLY A 26 1.70 6.56 -13.50
C GLY A 26 0.89 7.80 -13.23
N GLN A 27 -0.42 7.67 -13.35
CA GLN A 27 -1.32 8.77 -13.13
C GLN A 27 -2.27 8.42 -11.99
N GLY A 28 -2.33 9.29 -10.99
CA GLY A 28 -3.22 9.07 -9.87
C GLY A 28 -4.53 9.74 -10.18
N SER A 29 -5.47 9.69 -9.24
CA SER A 29 -6.77 10.32 -9.44
C SER A 29 -6.71 11.85 -9.55
N PHE A 30 -5.73 12.47 -8.88
CA PHE A 30 -5.61 13.92 -8.90
C PHE A 30 -4.19 14.43 -9.09
N GLY A 31 -3.34 13.61 -9.70
CA GLY A 31 -1.96 14.01 -9.91
C GLY A 31 -1.19 13.04 -10.78
N MET A 32 0.09 13.31 -10.94
CA MET A 32 0.98 12.49 -11.75
C MET A 32 2.18 12.04 -10.94
N VAL A 33 2.63 10.81 -11.19
CA VAL A 33 3.82 10.30 -10.51
C VAL A 33 4.89 10.14 -11.60
N TYR A 34 6.04 10.75 -11.38
CA TYR A 34 7.15 10.69 -12.34
C TYR A 34 8.39 10.05 -11.74
N GLU A 35 9.14 9.35 -12.58
CA GLU A 35 10.41 8.78 -12.15
C GLU A 35 11.37 9.96 -12.34
N GLY A 36 12.30 10.14 -11.42
CA GLY A 36 13.24 11.23 -11.55
C GLY A 36 14.54 10.88 -10.87
N ASN A 37 15.43 11.86 -10.80
CA ASN A 37 16.72 11.73 -10.14
C ASN A 37 16.86 13.00 -9.28
N ALA A 38 17.39 12.84 -8.07
CA ALA A 38 17.55 13.96 -7.18
C ALA A 38 19.01 14.06 -6.76
N ARG A 39 19.56 15.26 -6.79
CA ARG A 39 20.96 15.46 -6.42
C ARG A 39 21.08 15.86 -4.96
N ASP A 40 21.98 15.17 -4.26
CA ASP A 40 22.26 15.41 -2.85
C ASP A 40 21.08 15.62 -1.93
N ILE A 41 20.20 14.63 -1.87
CA ILE A 41 19.05 14.71 -0.97
C ILE A 41 19.19 13.67 0.16
N ILE A 42 20.17 12.79 0.01
CA ILE A 42 20.48 11.75 0.99
C ILE A 42 21.99 11.81 1.22
N LYS A 43 22.41 11.88 2.49
CA LYS A 43 23.83 11.94 2.84
C LYS A 43 24.55 10.70 2.36
N GLY A 44 25.70 10.89 1.72
CA GLY A 44 26.44 9.76 1.21
C GLY A 44 26.09 9.43 -0.23
N GLU A 45 24.91 9.89 -0.69
CA GLU A 45 24.47 9.65 -2.06
C GLU A 45 24.48 10.93 -2.87
N ALA A 46 25.37 10.98 -3.86
CA ALA A 46 25.51 12.14 -4.73
C ALA A 46 24.21 12.38 -5.50
N GLU A 47 23.62 11.29 -6.00
CA GLU A 47 22.37 11.33 -6.74
C GLU A 47 21.51 10.15 -6.30
N THR A 48 20.20 10.36 -6.23
CA THR A 48 19.27 9.32 -5.79
C THR A 48 18.08 9.21 -6.73
N ARG A 49 17.74 7.98 -7.12
CA ARG A 49 16.60 7.72 -8.00
C ARG A 49 15.35 7.94 -7.14
N VAL A 50 14.37 8.65 -7.69
CA VAL A 50 13.16 8.96 -6.93
C VAL A 50 11.89 8.89 -7.76
N ALA A 51 10.76 8.92 -7.05
CA ALA A 51 9.45 8.96 -7.65
C ALA A 51 8.95 10.31 -7.13
N VAL A 52 8.36 11.10 -8.02
CA VAL A 52 7.87 12.42 -7.63
C VAL A 52 6.41 12.54 -7.97
N LYS A 53 5.61 12.84 -6.95
CA LYS A 53 4.19 13.01 -7.15
C LYS A 53 3.81 14.49 -7.15
N THR A 54 2.94 14.87 -8.08
CA THR A 54 2.49 16.25 -8.17
C THR A 54 0.97 16.23 -7.95
N VAL A 55 0.40 17.40 -7.74
CA VAL A 55 -1.05 17.52 -7.58
C VAL A 55 -1.50 18.40 -8.76
N ASN A 56 -2.51 17.93 -9.48
CA ASN A 56 -3.04 18.65 -10.63
C ASN A 56 -3.54 20.02 -10.19
N GLU A 57 -3.29 21.03 -11.03
CA GLU A 57 -3.73 22.39 -10.73
C GLU A 57 -5.25 22.39 -10.52
N SER A 58 -5.92 21.43 -11.14
CA SER A 58 -7.37 21.29 -11.07
C SER A 58 -7.87 20.48 -9.88
N ALA A 59 -6.96 20.00 -9.04
CA ALA A 59 -7.32 19.20 -7.87
C ALA A 59 -8.33 19.94 -6.99
N SER A 60 -9.32 19.23 -6.49
CA SER A 60 -10.33 19.82 -5.62
C SER A 60 -9.78 19.97 -4.20
N LEU A 61 -10.52 20.67 -3.36
CA LEU A 61 -10.13 20.86 -1.95
C LEU A 61 -10.03 19.51 -1.25
N ARG A 62 -11.01 18.64 -1.49
CA ARG A 62 -11.02 17.31 -0.87
C ARG A 62 -9.75 16.54 -1.23
N GLU A 63 -9.36 16.64 -2.50
CA GLU A 63 -8.15 15.96 -2.97
C GLU A 63 -6.87 16.53 -2.38
N ARG A 64 -6.83 17.85 -2.21
CA ARG A 64 -5.66 18.51 -1.63
C ARG A 64 -5.56 18.19 -0.14
N ILE A 65 -6.70 18.10 0.55
CA ILE A 65 -6.72 17.77 1.97
C ILE A 65 -6.19 16.34 2.13
N GLU A 66 -6.62 15.46 1.23
CA GLU A 66 -6.21 14.06 1.25
C GLU A 66 -4.70 13.93 1.04
N PHE A 67 -4.17 14.63 0.03
CA PHE A 67 -2.74 14.58 -0.25
C PHE A 67 -1.93 15.12 0.95
N LEU A 68 -2.47 16.12 1.62
CA LEU A 68 -1.85 16.71 2.80
C LEU A 68 -1.66 15.64 3.88
N ASN A 69 -2.74 14.92 4.20
CA ASN A 69 -2.72 13.86 5.22
C ASN A 69 -1.74 12.76 4.80
N GLU A 70 -1.78 12.41 3.53
CA GLU A 70 -0.93 11.39 2.97
C GLU A 70 0.55 11.68 3.18
N ALA A 71 0.96 12.89 2.81
CA ALA A 71 2.35 13.30 2.95
C ALA A 71 2.72 13.41 4.44
N SER A 72 1.78 13.90 5.24
CA SER A 72 2.01 14.07 6.67
C SER A 72 2.24 12.75 7.40
N VAL A 73 1.39 11.74 7.15
CA VAL A 73 1.57 10.45 7.79
C VAL A 73 2.86 9.76 7.34
N MET A 74 3.22 9.92 6.07
CA MET A 74 4.46 9.30 5.55
C MET A 74 5.68 9.84 6.27
N LYS A 75 5.67 11.14 6.60
CA LYS A 75 6.79 11.77 7.29
C LYS A 75 7.13 11.07 8.60
N GLY A 76 6.12 10.50 9.25
CA GLY A 76 6.35 9.84 10.53
C GLY A 76 6.76 8.39 10.48
N PHE A 77 6.83 7.80 9.28
CA PHE A 77 7.19 6.40 9.14
C PHE A 77 8.62 6.12 8.74
N THR A 78 9.19 5.07 9.33
CA THR A 78 10.54 4.60 9.04
C THR A 78 10.51 3.08 9.12
N CYS A 79 10.25 2.46 7.97
CA CYS A 79 10.18 1.01 7.88
C CYS A 79 10.61 0.58 6.49
N HIS A 80 11.41 -0.47 6.42
CA HIS A 80 11.90 -0.98 5.15
C HIS A 80 10.76 -1.42 4.24
N HIS A 81 9.63 -1.80 4.84
CA HIS A 81 8.49 -2.28 4.06
C HIS A 81 7.35 -1.29 3.90
N VAL A 82 7.69 -0.02 4.01
CA VAL A 82 6.73 1.07 3.85
C VAL A 82 7.46 2.08 2.98
N VAL A 83 6.80 2.56 1.92
CA VAL A 83 7.41 3.52 1.00
C VAL A 83 7.83 4.79 1.75
N ARG A 84 9.10 5.13 1.59
CA ARG A 84 9.75 6.26 2.24
C ARG A 84 9.57 7.59 1.51
N LEU A 85 9.27 8.63 2.29
CA LEU A 85 9.14 9.98 1.77
C LEU A 85 10.55 10.55 1.93
N LEU A 86 11.05 11.21 0.91
CA LEU A 86 12.39 11.79 0.94
C LEU A 86 12.43 13.31 1.03
N GLY A 87 11.36 13.98 0.59
CA GLY A 87 11.36 15.42 0.67
C GLY A 87 10.16 16.04 -0.01
N VAL A 88 10.00 17.34 0.17
CA VAL A 88 8.88 18.05 -0.42
C VAL A 88 9.37 19.38 -0.97
N VAL A 89 9.01 19.64 -2.23
CA VAL A 89 9.38 20.90 -2.86
C VAL A 89 8.11 21.74 -2.81
N SER A 90 8.13 22.76 -1.96
CA SER A 90 6.97 23.64 -1.84
C SER A 90 7.31 25.08 -2.16
N LYS A 91 8.58 25.33 -2.44
CA LYS A 91 9.04 26.66 -2.80
C LYS A 91 8.64 26.88 -4.26
N GLY A 92 7.37 27.23 -4.45
CA GLY A 92 6.84 27.47 -5.79
C GLY A 92 5.80 26.45 -6.20
N GLN A 93 5.42 26.49 -7.47
CA GLN A 93 4.44 25.58 -8.02
C GLN A 93 5.02 24.83 -9.24
N PRO A 94 4.61 23.56 -9.42
CA PRO A 94 3.67 22.84 -8.55
C PRO A 94 4.41 22.18 -7.37
N THR A 95 3.66 21.85 -6.31
CA THR A 95 4.24 21.20 -5.14
C THR A 95 4.68 19.80 -5.59
N LEU A 96 5.87 19.38 -5.18
CA LEU A 96 6.38 18.06 -5.55
C LEU A 96 6.65 17.24 -4.30
N VAL A 97 6.13 16.03 -4.25
CA VAL A 97 6.38 15.15 -3.11
C VAL A 97 7.36 14.08 -3.62
N VAL A 98 8.57 14.10 -3.07
CA VAL A 98 9.63 13.20 -3.48
C VAL A 98 9.67 11.97 -2.58
N MET A 99 9.55 10.80 -3.20
CA MET A 99 9.54 9.52 -2.48
C MET A 99 10.60 8.57 -3.03
N GLU A 100 10.83 7.44 -2.35
CA GLU A 100 11.79 6.48 -2.84
C GLU A 100 11.19 5.87 -4.11
N LEU A 101 12.02 5.57 -5.09
CA LEU A 101 11.53 4.98 -6.33
C LEU A 101 11.29 3.50 -6.14
N MET A 102 10.12 3.05 -6.57
CA MET A 102 9.75 1.64 -6.54
C MET A 102 9.71 1.34 -8.05
N ALA A 103 10.86 0.98 -8.60
CA ALA A 103 11.06 0.73 -10.03
C ALA A 103 10.01 -0.09 -10.78
N HIS A 104 9.48 -1.11 -10.13
CA HIS A 104 8.47 -1.96 -10.76
C HIS A 104 7.02 -1.54 -10.55
N GLY A 105 6.82 -0.31 -10.08
CA GLY A 105 5.49 0.23 -9.88
C GLY A 105 4.63 -0.49 -8.86
N ASP A 106 3.32 -0.36 -9.02
CA ASP A 106 2.36 -0.97 -8.10
C ASP A 106 2.22 -2.46 -8.34
N LEU A 107 1.91 -3.19 -7.27
CA LEU A 107 1.78 -4.65 -7.34
C LEU A 107 0.73 -5.15 -8.32
N LYS A 108 -0.40 -4.44 -8.45
CA LYS A 108 -1.44 -4.89 -9.37
C LYS A 108 -0.91 -4.93 -10.80
N SER A 109 -0.32 -3.83 -11.26
CA SER A 109 0.27 -3.72 -12.60
C SER A 109 1.35 -4.78 -12.78
N TYR A 110 2.23 -4.89 -11.79
CA TYR A 110 3.32 -5.86 -11.82
C TYR A 110 2.81 -7.29 -12.03
N LEU A 111 1.82 -7.69 -11.23
CA LEU A 111 1.24 -9.03 -11.30
C LEU A 111 0.66 -9.31 -12.68
N ARG A 112 -0.09 -8.35 -13.21
CA ARG A 112 -0.70 -8.50 -14.53
C ARG A 112 0.36 -8.67 -15.61
N SER A 113 1.50 -8.01 -15.44
CA SER A 113 2.56 -8.11 -16.43
C SER A 113 3.19 -9.50 -16.42
N LEU A 114 2.98 -10.25 -15.34
CA LEU A 114 3.53 -11.58 -15.21
C LEU A 114 2.64 -12.68 -15.77
N ARG A 115 1.49 -12.28 -16.32
CA ARG A 115 0.59 -13.24 -16.94
C ARG A 115 1.37 -13.67 -18.20
N PRO A 116 1.48 -14.99 -18.44
CA PRO A 116 2.20 -15.50 -19.60
C PRO A 116 1.91 -14.83 -20.95
N GLU A 117 0.65 -14.45 -21.17
CA GLU A 117 0.25 -13.81 -22.42
C GLU A 117 0.28 -12.28 -22.39
N ALA A 118 0.90 -11.71 -21.36
CA ALA A 118 0.98 -10.26 -21.21
C ALA A 118 1.87 -9.61 -22.28
N GLU A 119 1.37 -8.54 -22.88
CA GLU A 119 2.11 -7.83 -23.91
C GLU A 119 3.39 -7.22 -23.33
N ASN A 120 3.32 -6.86 -22.05
CA ASN A 120 4.46 -6.28 -21.34
C ASN A 120 5.13 -7.27 -20.39
N ASN A 121 5.06 -8.56 -20.71
CA ASN A 121 5.68 -9.59 -19.87
C ASN A 121 7.19 -9.30 -19.84
N PRO A 122 7.77 -9.23 -18.64
CA PRO A 122 9.20 -8.95 -18.45
C PRO A 122 10.17 -10.09 -18.78
N GLY A 123 9.63 -11.24 -19.17
CA GLY A 123 10.47 -12.37 -19.52
C GLY A 123 10.83 -13.27 -18.35
N ARG A 124 9.94 -13.36 -17.38
CA ARG A 124 10.14 -14.21 -16.22
C ARG A 124 8.80 -14.85 -15.86
N PRO A 125 8.82 -15.98 -15.13
CA PRO A 125 7.61 -16.68 -14.73
C PRO A 125 6.76 -15.94 -13.71
N PRO A 126 5.50 -16.36 -13.52
CA PRO A 126 4.64 -15.69 -12.54
C PRO A 126 5.25 -16.03 -11.18
N PRO A 127 4.82 -15.34 -10.11
CA PRO A 127 5.36 -15.61 -8.77
C PRO A 127 5.30 -17.07 -8.31
N THR A 128 6.43 -17.60 -7.82
CA THR A 128 6.49 -18.96 -7.30
C THR A 128 5.87 -18.93 -5.89
N LEU A 129 5.64 -20.09 -5.29
CA LEU A 129 5.08 -20.16 -3.94
C LEU A 129 5.97 -19.39 -2.97
N GLN A 130 7.28 -19.60 -3.08
CA GLN A 130 8.28 -18.92 -2.25
C GLN A 130 8.19 -17.40 -2.39
N GLU A 131 8.09 -16.93 -3.63
CA GLU A 131 7.99 -15.50 -3.90
C GLU A 131 6.70 -14.91 -3.35
N MET A 132 5.61 -15.68 -3.40
CA MET A 132 4.34 -15.20 -2.87
C MET A 132 4.38 -15.07 -1.35
N ILE A 133 5.02 -16.03 -0.69
CA ILE A 133 5.16 -16.00 0.77
C ILE A 133 6.01 -14.80 1.17
N GLN A 134 7.09 -14.55 0.42
CA GLN A 134 7.99 -13.41 0.68
C GLN A 134 7.21 -12.09 0.57
N MET A 135 6.38 -11.97 -0.48
CA MET A 135 5.56 -10.79 -0.69
C MET A 135 4.60 -10.60 0.48
N ALA A 136 3.94 -11.69 0.88
CA ALA A 136 2.98 -11.68 1.96
C ALA A 136 3.64 -11.22 3.25
N ALA A 137 4.83 -11.73 3.53
CA ALA A 137 5.55 -11.37 4.75
C ALA A 137 5.97 -9.89 4.76
N GLU A 138 6.42 -9.38 3.61
CA GLU A 138 6.83 -7.97 3.51
C GLU A 138 5.65 -7.02 3.71
N ILE A 139 4.53 -7.35 3.08
CA ILE A 139 3.31 -6.54 3.19
C ILE A 139 2.83 -6.60 4.64
N ALA A 140 2.84 -7.80 5.23
CA ALA A 140 2.39 -7.97 6.61
C ALA A 140 3.29 -7.26 7.62
N ASP A 141 4.59 -7.21 7.34
CA ASP A 141 5.55 -6.54 8.22
C ASP A 141 5.34 -5.03 8.15
N GLY A 142 5.14 -4.51 6.93
CA GLY A 142 4.91 -3.09 6.77
C GLY A 142 3.63 -2.71 7.47
N MET A 143 2.60 -3.55 7.32
CA MET A 143 1.32 -3.30 7.96
C MET A 143 1.43 -3.39 9.48
N ALA A 144 2.27 -4.30 9.96
CA ALA A 144 2.49 -4.48 11.40
C ALA A 144 3.06 -3.18 11.98
N TYR A 145 4.02 -2.60 11.27
CA TYR A 145 4.66 -1.36 11.67
C TYR A 145 3.62 -0.25 11.76
N LEU A 146 2.80 -0.12 10.72
CA LEU A 146 1.76 0.88 10.65
C LEU A 146 0.81 0.74 11.86
N ASN A 147 0.39 -0.49 12.14
CA ASN A 147 -0.48 -0.80 13.27
C ASN A 147 0.18 -0.42 14.59
N ALA A 148 1.49 -0.68 14.70
CA ALA A 148 2.27 -0.37 15.90
C ALA A 148 2.34 1.13 16.13
N LYS A 149 2.32 1.90 15.05
CA LYS A 149 2.38 3.36 15.14
C LYS A 149 0.98 3.92 15.41
N LYS A 150 0.02 3.01 15.55
CA LYS A 150 -1.38 3.34 15.81
C LYS A 150 -2.09 4.07 14.67
N PHE A 151 -2.02 3.46 13.49
CA PHE A 151 -2.69 3.98 12.29
C PHE A 151 -3.38 2.80 11.63
N VAL A 152 -4.48 3.09 10.95
CA VAL A 152 -5.22 2.09 10.21
C VAL A 152 -5.15 2.60 8.76
N HIS A 153 -4.72 1.72 7.85
CA HIS A 153 -4.54 2.08 6.45
C HIS A 153 -5.83 2.38 5.70
N ARG A 154 -6.80 1.47 5.82
CA ARG A 154 -8.13 1.55 5.22
C ARG A 154 -8.20 1.35 3.70
N ASP A 155 -7.06 1.27 3.03
CA ASP A 155 -7.07 1.09 1.59
C ASP A 155 -5.96 0.14 1.13
N LEU A 156 -5.76 -0.95 1.86
CA LEU A 156 -4.73 -1.94 1.49
C LEU A 156 -5.30 -2.72 0.30
N ALA A 157 -4.52 -2.76 -0.77
CA ALA A 157 -4.91 -3.43 -2.01
C ALA A 157 -3.64 -3.54 -2.85
N ALA A 158 -3.62 -4.46 -3.82
CA ALA A 158 -2.43 -4.63 -4.65
C ALA A 158 -2.03 -3.34 -5.36
N ARG A 159 -3.01 -2.53 -5.76
CA ARG A 159 -2.73 -1.27 -6.45
C ARG A 159 -1.96 -0.30 -5.54
N ASN A 160 -2.11 -0.49 -4.23
CA ASN A 160 -1.46 0.36 -3.25
C ASN A 160 -0.19 -0.18 -2.60
N CYS A 161 0.27 -1.34 -3.09
CA CYS A 161 1.52 -1.92 -2.62
C CYS A 161 2.46 -1.66 -3.80
N MET A 162 3.72 -1.30 -3.51
CA MET A 162 4.69 -1.02 -4.56
C MET A 162 5.82 -2.05 -4.58
N VAL A 163 6.45 -2.23 -5.75
CA VAL A 163 7.51 -3.22 -5.95
C VAL A 163 8.82 -2.52 -6.32
N ALA A 164 9.86 -2.82 -5.54
CA ALA A 164 11.19 -2.22 -5.74
C ALA A 164 12.01 -2.92 -6.81
N HIS A 165 13.16 -2.31 -7.13
CA HIS A 165 14.06 -2.87 -8.14
C HIS A 165 14.44 -4.31 -7.81
N ASP A 166 14.59 -4.62 -6.53
CA ASP A 166 14.94 -5.97 -6.11
C ASP A 166 13.72 -6.84 -5.80
N PHE A 167 12.55 -6.35 -6.21
CA PHE A 167 11.26 -7.01 -6.04
C PHE A 167 10.64 -6.99 -4.63
N THR A 168 11.23 -6.19 -3.74
CA THR A 168 10.70 -6.05 -2.39
C THR A 168 9.38 -5.28 -2.50
N VAL A 169 8.37 -5.75 -1.79
CA VAL A 169 7.06 -5.11 -1.79
C VAL A 169 6.97 -4.23 -0.54
N LYS A 170 6.37 -3.05 -0.70
CA LYS A 170 6.22 -2.10 0.40
C LYS A 170 4.83 -1.47 0.36
N ILE A 171 4.34 -1.06 1.51
CA ILE A 171 3.02 -0.41 1.62
C ILE A 171 3.08 1.04 1.17
N GLY A 172 2.11 1.44 0.36
CA GLY A 172 2.04 2.81 -0.12
C GLY A 172 0.63 3.35 0.00
N ASP A 173 0.39 4.50 -0.62
CA ASP A 173 -0.90 5.19 -0.61
C ASP A 173 -1.54 5.34 0.76
N PHE A 174 -1.14 6.38 1.48
CA PHE A 174 -1.68 6.62 2.80
C PHE A 174 -2.76 7.67 2.80
N GLY A 175 -3.41 7.83 1.64
CA GLY A 175 -4.48 8.80 1.50
C GLY A 175 -5.64 8.58 2.45
N MET A 176 -6.02 7.33 2.66
CA MET A 176 -7.13 7.01 3.56
C MET A 176 -6.72 6.67 4.99
N THR A 177 -5.43 6.70 5.27
CA THR A 177 -4.89 6.36 6.57
C THR A 177 -5.40 7.27 7.70
N ARG A 178 -5.75 6.66 8.82
CA ARG A 178 -6.26 7.40 9.98
C ARG A 178 -5.58 7.00 11.29
N ASP A 179 -5.41 7.99 12.16
CA ASP A 179 -4.81 7.82 13.48
C ASP A 179 -5.83 7.15 14.40
N ILE A 180 -5.44 6.06 15.07
CA ILE A 180 -6.35 5.37 15.98
C ILE A 180 -5.72 5.19 17.37
N GLU A 182 -5.90 6.79 20.41
CA GLU A 182 -6.74 6.80 21.60
C GLU A 182 -7.82 5.74 21.70
N THR A 183 -8.45 5.40 20.58
CA THR A 183 -9.55 4.44 20.58
C THR A 183 -9.38 3.09 19.87
N ASP A 184 -8.30 2.94 19.10
CA ASP A 184 -8.02 1.72 18.34
C ASP A 184 -8.95 1.46 17.17
N ARG A 187 -14.21 5.59 13.01
CA ARG A 187 -15.58 5.46 12.53
C ARG A 187 -15.74 6.58 11.50
N LYS A 188 -16.08 6.19 10.27
CA LYS A 188 -16.24 7.15 9.19
C LYS A 188 -17.43 8.07 9.40
N GLY A 189 -17.22 9.36 9.19
CA GLY A 189 -18.27 10.34 9.36
C GLY A 189 -19.29 10.41 8.23
N GLY A 190 -19.04 11.29 7.26
CA GLY A 190 -19.96 11.45 6.16
C GLY A 190 -19.89 10.41 5.06
N LYS A 191 -20.05 10.89 3.83
CA LYS A 191 -20.00 10.04 2.64
C LYS A 191 -18.64 10.22 1.98
N GLY A 192 -18.18 9.18 1.30
CA GLY A 192 -16.90 9.23 0.64
C GLY A 192 -16.66 7.98 -0.19
N LEU A 193 -15.60 8.01 -0.99
CA LEU A 193 -15.24 6.89 -1.87
C LEU A 193 -14.55 5.79 -1.09
N LEU A 194 -15.21 4.63 -1.04
CA LEU A 194 -14.69 3.48 -0.31
C LEU A 194 -14.42 2.30 -1.24
N PRO A 195 -13.29 1.59 -1.01
CA PRO A 195 -12.90 0.42 -1.82
C PRO A 195 -13.71 -0.81 -1.41
N VAL A 196 -15.00 -0.81 -1.76
CA VAL A 196 -15.94 -1.88 -1.41
C VAL A 196 -15.43 -3.33 -1.51
N ARG A 197 -14.79 -3.67 -2.62
CA ARG A 197 -14.28 -5.05 -2.84
C ARG A 197 -13.14 -5.48 -1.90
N TRP A 198 -12.55 -4.52 -1.20
CA TRP A 198 -11.46 -4.82 -0.26
C TRP A 198 -11.88 -4.67 1.19
N MET A 199 -13.11 -4.24 1.42
CA MET A 199 -13.61 -3.99 2.78
C MET A 199 -14.23 -5.11 3.61
N ALA A 200 -13.98 -5.06 4.91
CA ALA A 200 -14.53 -6.04 5.85
C ALA A 200 -16.03 -5.79 6.03
N PRO A 201 -16.81 -6.85 6.34
CA PRO A 201 -18.27 -6.69 6.52
C PRO A 201 -18.68 -5.62 7.55
N GLU A 202 -17.96 -5.53 8.67
CA GLU A 202 -18.30 -4.53 9.70
C GLU A 202 -18.02 -3.09 9.27
N SER A 203 -17.09 -2.91 8.34
CA SER A 203 -16.76 -1.58 7.82
C SER A 203 -17.83 -1.17 6.82
N LEU A 204 -18.28 -2.15 6.02
CA LEU A 204 -19.33 -1.92 5.04
C LEU A 204 -20.65 -1.63 5.76
N LYS A 205 -20.84 -2.26 6.91
CA LYS A 205 -22.06 -2.10 7.68
C LYS A 205 -22.09 -0.86 8.59
N ASP A 206 -21.06 -0.69 9.41
CA ASP A 206 -21.02 0.42 10.37
C ASP A 206 -19.99 1.50 10.07
N GLY A 207 -19.15 1.29 9.06
CA GLY A 207 -18.12 2.26 8.73
C GLY A 207 -16.99 2.27 9.75
N VAL A 208 -16.81 1.15 10.45
CA VAL A 208 -15.77 1.04 11.46
C VAL A 208 -14.51 0.35 10.91
N PHE A 209 -13.39 1.05 10.99
CA PHE A 209 -12.10 0.54 10.50
C PHE A 209 -11.13 0.32 11.65
N THR A 210 -10.52 -0.86 11.67
CA THR A 210 -9.57 -1.26 12.70
C THR A 210 -8.45 -2.03 12.00
N THR A 211 -7.45 -2.44 12.76
CA THR A 211 -6.37 -3.21 12.18
C THR A 211 -6.95 -4.55 11.68
N SER A 212 -8.09 -4.96 12.27
CA SER A 212 -8.76 -6.21 11.86
C SER A 212 -9.37 -6.05 10.48
N SER A 213 -9.89 -4.87 10.16
CA SER A 213 -10.46 -4.64 8.84
C SER A 213 -9.31 -4.54 7.81
N ASP A 214 -8.13 -4.11 8.25
CA ASP A 214 -6.96 -4.05 7.37
C ASP A 214 -6.55 -5.51 7.05
N MET A 215 -6.70 -6.40 8.04
CA MET A 215 -6.38 -7.82 7.86
C MET A 215 -7.31 -8.44 6.80
N TRP A 216 -8.58 -8.02 6.81
CA TRP A 216 -9.53 -8.51 5.81
C TRP A 216 -9.00 -8.13 4.43
N SER A 217 -8.55 -6.88 4.29
CA SER A 217 -8.00 -6.37 3.02
C SER A 217 -6.75 -7.13 2.62
N PHE A 218 -5.92 -7.47 3.61
CA PHE A 218 -4.69 -8.23 3.37
C PHE A 218 -5.04 -9.56 2.71
N GLY A 219 -6.14 -10.16 3.14
CA GLY A 219 -6.59 -11.41 2.57
C GLY A 219 -6.94 -11.24 1.09
N VAL A 220 -7.57 -10.12 0.75
CA VAL A 220 -7.92 -9.85 -0.64
C VAL A 220 -6.65 -9.65 -1.45
N VAL A 221 -5.63 -9.03 -0.86
CA VAL A 221 -4.35 -8.83 -1.55
C VAL A 221 -3.73 -10.19 -1.89
N LEU A 222 -3.84 -11.15 -0.95
CA LEU A 222 -3.31 -12.49 -1.19
C LEU A 222 -4.10 -13.12 -2.36
N TRP A 223 -5.39 -12.80 -2.44
CA TRP A 223 -6.25 -13.29 -3.51
C TRP A 223 -5.78 -12.68 -4.84
N GLU A 224 -5.43 -11.39 -4.83
CA GLU A 224 -4.94 -10.73 -6.03
C GLU A 224 -3.61 -11.34 -6.46
N ILE A 225 -2.73 -11.61 -5.49
CA ILE A 225 -1.43 -12.21 -5.80
C ILE A 225 -1.61 -13.60 -6.45
N THR A 226 -2.47 -14.42 -5.86
CA THR A 226 -2.71 -15.77 -6.38
C THR A 226 -3.58 -15.84 -7.65
N SER A 227 -4.15 -14.72 -8.07
CA SER A 227 -4.97 -14.69 -9.29
C SER A 227 -4.30 -13.79 -10.34
N LEU A 228 -3.10 -13.30 -10.03
CA LEU A 228 -2.37 -12.38 -10.91
C LEU A 228 -3.20 -11.13 -11.20
N ALA A 229 -3.76 -10.58 -10.13
CA ALA A 229 -4.56 -9.37 -10.15
C ALA A 229 -5.84 -9.33 -10.98
N GLU A 230 -6.68 -10.35 -10.83
CA GLU A 230 -7.95 -10.32 -11.52
C GLU A 230 -8.83 -9.45 -10.63
N GLN A 231 -10.01 -9.09 -11.12
CA GLN A 231 -10.91 -8.24 -10.34
C GLN A 231 -11.72 -9.02 -9.32
N PRO A 232 -11.62 -8.66 -8.03
CA PRO A 232 -12.38 -9.37 -7.01
C PRO A 232 -13.88 -9.26 -7.31
N TYR A 233 -14.59 -10.37 -7.15
CA TYR A 233 -16.04 -10.43 -7.39
C TYR A 233 -16.43 -9.99 -8.79
N GLN A 234 -15.61 -10.37 -9.78
CA GLN A 234 -15.88 -10.03 -11.17
C GLN A 234 -17.28 -10.56 -11.51
N GLY A 235 -18.13 -9.69 -12.02
CA GLY A 235 -19.48 -10.10 -12.36
C GLY A 235 -20.53 -9.51 -11.45
N LEU A 236 -20.10 -9.04 -10.28
CA LEU A 236 -20.99 -8.39 -9.33
C LEU A 236 -20.65 -6.90 -9.30
N SER A 237 -21.67 -6.07 -9.13
CA SER A 237 -21.47 -4.63 -9.05
C SER A 237 -21.05 -4.33 -7.62
N ASN A 238 -20.60 -3.10 -7.36
CA ASN A 238 -20.19 -2.71 -6.01
C ASN A 238 -21.31 -2.87 -5.01
N GLU A 239 -22.54 -2.58 -5.45
CA GLU A 239 -23.70 -2.71 -4.59
C GLU A 239 -23.99 -4.18 -4.23
N GLN A 240 -23.79 -5.06 -5.21
CA GLN A 240 -24.00 -6.50 -5.00
C GLN A 240 -22.93 -7.07 -4.06
N VAL A 241 -21.71 -6.60 -4.22
CA VAL A 241 -20.58 -7.03 -3.40
C VAL A 241 -20.84 -6.64 -1.94
N LEU A 242 -21.25 -5.38 -1.73
CA LEU A 242 -21.54 -4.85 -0.40
C LEU A 242 -22.54 -5.76 0.33
N LYS A 243 -23.61 -6.10 -0.37
CA LYS A 243 -24.66 -6.96 0.16
C LYS A 243 -24.13 -8.38 0.39
N PHE A 244 -23.38 -8.90 -0.58
CA PHE A 244 -22.81 -10.25 -0.48
C PHE A 244 -21.94 -10.45 0.76
N VAL A 245 -20.96 -9.56 0.91
CA VAL A 245 -20.02 -9.63 2.03
C VAL A 245 -20.70 -9.40 3.38
N MET A 246 -21.59 -8.43 3.46
CA MET A 246 -22.30 -8.19 4.72
C MET A 246 -23.12 -9.42 5.12
N ASP A 247 -23.61 -10.15 4.11
CA ASP A 247 -24.39 -11.37 4.35
C ASP A 247 -23.51 -12.56 4.75
N GLY A 248 -22.20 -12.34 4.78
CA GLY A 248 -21.27 -13.40 5.17
C GLY A 248 -20.50 -14.04 4.01
N GLY A 249 -20.59 -13.43 2.83
CA GLY A 249 -19.90 -13.97 1.68
C GLY A 249 -18.44 -13.55 1.62
N TYR A 250 -17.69 -14.25 0.77
CA TYR A 250 -16.27 -13.98 0.56
C TYR A 250 -15.86 -14.60 -0.78
N LEU A 251 -14.64 -14.29 -1.22
CA LEU A 251 -14.11 -14.78 -2.48
C LEU A 251 -13.74 -16.27 -2.44
N ASP A 252 -13.73 -16.89 -3.62
CA ASP A 252 -13.33 -18.29 -3.78
C ASP A 252 -11.81 -18.26 -3.85
N GLN A 253 -11.20 -19.42 -3.74
CA GLN A 253 -9.76 -19.52 -3.88
C GLN A 253 -9.49 -19.51 -5.37
N PRO A 254 -8.50 -18.70 -5.82
CA PRO A 254 -8.21 -18.66 -7.25
C PRO A 254 -7.80 -20.07 -7.72
N ASP A 255 -7.86 -20.31 -9.02
CA ASP A 255 -7.49 -21.62 -9.56
C ASP A 255 -6.04 -21.96 -9.21
N ASN A 256 -5.85 -23.18 -8.69
CA ASN A 256 -4.54 -23.69 -8.30
C ASN A 256 -3.81 -22.86 -7.25
N CYS A 257 -4.58 -22.29 -6.34
CA CYS A 257 -4.02 -21.49 -5.27
C CYS A 257 -3.27 -22.40 -4.28
N PRO A 258 -2.04 -22.04 -3.91
CA PRO A 258 -1.27 -22.85 -2.97
C PRO A 258 -2.03 -22.97 -1.65
N GLU A 259 -2.11 -24.18 -1.11
CA GLU A 259 -2.82 -24.44 0.15
C GLU A 259 -2.42 -23.52 1.28
N ARG A 260 -1.13 -23.23 1.38
CA ARG A 260 -0.60 -22.35 2.42
C ARG A 260 -1.22 -20.95 2.34
N VAL A 261 -1.36 -20.42 1.12
CA VAL A 261 -1.96 -19.10 0.93
C VAL A 261 -3.46 -19.17 1.21
N THR A 262 -4.11 -20.24 0.74
CA THR A 262 -5.53 -20.43 1.00
C THR A 262 -5.81 -20.38 2.51
N ASP A 263 -4.97 -21.03 3.29
CA ASP A 263 -5.11 -21.05 4.75
C ASP A 263 -5.04 -19.64 5.33
N LEU A 264 -4.14 -18.81 4.79
CA LEU A 264 -4.02 -17.42 5.26
C LEU A 264 -5.32 -16.64 4.96
N MET A 265 -5.84 -16.79 3.74
CA MET A 265 -7.07 -16.10 3.36
C MET A 265 -8.24 -16.50 4.27
N ARG A 266 -8.29 -17.76 4.67
CA ARG A 266 -9.36 -18.24 5.55
C ARG A 266 -9.32 -17.50 6.89
N MET A 267 -8.11 -17.26 7.39
CA MET A 267 -7.90 -16.54 8.65
C MET A 267 -8.35 -15.08 8.54
N CYS A 268 -8.03 -14.46 7.41
CA CYS A 268 -8.36 -13.05 7.15
C CYS A 268 -9.85 -12.77 6.94
N TRP A 269 -10.56 -13.76 6.39
CA TRP A 269 -11.99 -13.59 6.09
C TRP A 269 -13.02 -14.06 7.12
N GLN A 270 -12.58 -14.23 8.36
CA GLN A 270 -13.51 -14.63 9.40
C GLN A 270 -14.45 -13.46 9.60
N PHE A 271 -15.73 -13.75 9.85
CA PHE A 271 -16.72 -12.70 10.01
C PHE A 271 -16.49 -11.80 11.23
N ASN A 272 -16.14 -12.41 12.35
CA ASN A 272 -15.87 -11.68 13.59
C ASN A 272 -14.46 -11.12 13.50
N PRO A 273 -14.34 -9.78 13.43
CA PRO A 273 -13.04 -9.11 13.34
C PRO A 273 -12.07 -9.53 14.46
N LYS A 274 -12.63 -9.84 15.62
CA LYS A 274 -11.81 -10.26 16.77
C LYS A 274 -11.14 -11.63 16.63
N MET A 275 -11.61 -12.43 15.67
CA MET A 275 -11.04 -13.76 15.46
C MET A 275 -9.95 -13.78 14.36
N ARG A 276 -9.82 -12.67 13.64
CA ARG A 276 -8.81 -12.55 12.59
C ARG A 276 -7.43 -12.37 13.23
N PRO A 277 -6.37 -12.83 12.54
CA PRO A 277 -5.02 -12.69 13.08
C PRO A 277 -4.50 -11.25 13.02
N THR A 278 -3.35 -11.01 13.63
CA THR A 278 -2.73 -9.69 13.60
C THR A 278 -1.61 -9.78 12.58
N PHE A 279 -1.11 -8.64 12.14
CA PHE A 279 -0.04 -8.65 11.15
C PHE A 279 1.25 -9.29 11.66
N LEU A 280 1.54 -9.10 12.94
CA LEU A 280 2.72 -9.71 13.55
C LEU A 280 2.58 -11.25 13.54
N GLU A 281 1.37 -11.73 13.78
CA GLU A 281 1.09 -13.16 13.77
C GLU A 281 1.28 -13.75 12.37
N ILE A 282 0.96 -12.98 11.34
CA ILE A 282 1.13 -13.43 9.95
C ILE A 282 2.63 -13.55 9.67
N VAL A 283 3.40 -12.52 10.03
CA VAL A 283 4.85 -12.59 9.81
C VAL A 283 5.45 -13.78 10.57
N ASN A 284 4.98 -14.02 11.78
CA ASN A 284 5.49 -15.14 12.58
C ASN A 284 5.23 -16.50 11.90
N LEU A 285 4.05 -16.65 11.31
CA LEU A 285 3.69 -17.89 10.62
C LEU A 285 4.60 -18.17 9.43
N LEU A 286 5.12 -17.10 8.83
CA LEU A 286 5.96 -17.21 7.63
C LEU A 286 7.46 -17.00 7.81
N LYS A 287 7.86 -16.55 9.00
CA LYS A 287 9.26 -16.22 9.29
C LYS A 287 10.36 -17.25 9.03
N ASP A 288 10.03 -18.54 9.13
CA ASP A 288 11.02 -19.59 8.93
C ASP A 288 11.37 -19.94 7.49
N ASP A 289 10.67 -19.34 6.53
CA ASP A 289 10.94 -19.63 5.13
C ASP A 289 11.04 -18.35 4.30
N LEU A 290 11.82 -17.39 4.78
CA LEU A 290 12.00 -16.10 4.10
C LEU A 290 13.47 -15.86 3.77
N HIS A 291 13.73 -14.84 2.94
CA HIS A 291 15.10 -14.50 2.54
C HIS A 291 15.95 -14.18 3.77
N PRO A 292 17.24 -14.57 3.77
CA PRO A 292 18.17 -14.32 4.88
C PRO A 292 18.24 -12.87 5.34
N SER A 293 18.01 -11.95 4.42
CA SER A 293 18.06 -10.52 4.75
C SER A 293 16.85 -10.02 5.55
N PHE A 294 15.74 -10.76 5.52
CA PHE A 294 14.52 -10.32 6.21
C PHE A 294 14.67 -9.86 7.67
N PRO A 295 15.34 -10.68 8.53
CA PRO A 295 15.54 -10.32 9.94
C PRO A 295 16.41 -9.06 10.08
N GLU A 296 17.20 -8.77 9.05
CA GLU A 296 18.09 -7.61 9.08
C GLU A 296 17.37 -6.29 8.81
N VAL A 297 16.21 -6.38 8.17
CA VAL A 297 15.46 -5.19 7.80
C VAL A 297 14.03 -5.08 8.28
N SER A 298 13.48 -6.15 8.83
CA SER A 298 12.08 -6.13 9.24
C SER A 298 11.75 -5.43 10.53
N PHE A 299 10.52 -4.95 10.62
CA PHE A 299 10.04 -4.32 11.84
C PHE A 299 9.87 -5.45 12.88
N PHE A 300 9.39 -6.59 12.40
CA PHE A 300 9.13 -7.77 13.23
C PHE A 300 10.34 -8.21 14.06
N HIS A 301 11.51 -8.26 13.42
CA HIS A 301 12.74 -8.67 14.09
C HIS A 301 13.48 -7.51 14.76
N SER A 302 12.98 -6.29 14.59
CA SER A 302 13.62 -5.10 15.17
C SER A 302 13.38 -4.89 16.66
N GLU A 303 14.27 -4.13 17.28
CA GLU A 303 14.16 -3.81 18.70
C GLU A 303 12.91 -2.97 18.95
N GLU A 304 12.48 -2.24 17.93
CA GLU A 304 11.29 -1.40 18.03
C GLU A 304 10.01 -2.20 18.25
N ASN A 305 10.00 -3.46 17.81
CA ASN A 305 8.82 -4.30 17.99
C ASN A 305 8.80 -4.77 19.44
N LYS A 306 8.29 -3.90 20.31
CA LYS A 306 8.21 -4.18 21.73
C LYS A 306 6.80 -3.96 22.25
N GLY B 8 -15.59 1.48 -10.90
CA GLY B 8 -14.22 1.64 -10.41
C GLY B 8 -13.97 0.87 -9.13
N ASP B 9 -12.79 1.09 -8.56
CA ASP B 9 -12.39 0.42 -7.32
C ASP B 9 -13.07 0.99 -6.09
N TYR B 10 -13.70 2.15 -6.24
CA TYR B 10 -14.38 2.83 -5.13
C TYR B 10 -15.84 3.11 -5.41
N MET B 11 -16.62 3.17 -4.34
CA MET B 11 -18.04 3.47 -4.42
C MET B 11 -18.31 4.61 -3.44
N ASN B 12 -19.02 5.63 -3.90
CA ASN B 12 -19.35 6.75 -3.03
C ASN B 12 -20.51 6.30 -2.15
N MET B 13 -20.24 6.17 -0.85
CA MET B 13 -21.24 5.71 0.10
C MET B 13 -21.03 6.28 1.51
#